data_6YMM
#
_entry.id   6YMM
#
_cell.length_a   88.170
_cell.length_b   88.170
_cell.length_c   76.080
_cell.angle_alpha   90.000
_cell.angle_beta   90.000
_cell.angle_gamma   120.000
#
_symmetry.space_group_name_H-M   'P 3 1 2'
#
loop_
_entity.id
_entity.type
_entity.pdbx_description
1 polymer 'Chains: A'
2 polymer 'Chains: B,D'
3 non-polymer S-ADENOSYLMETHIONINE
4 non-polymer 'SODIUM ION'
5 water water
#
loop_
_entity_poly.entity_id
_entity_poly.type
_entity_poly.pdbx_seq_one_letter_code
_entity_poly.pdbx_strand_id
1 'polyribonucleotide' GGU(CBV)ACAACGGCUUCCUGGCGUGACC A,C
2 'polyribonucleotide' AUUGGAGCA B,D
#